data_1RFX
#
_entry.id   1RFX
#
_cell.length_a   44.298
_cell.length_b   174.670
_cell.length_c   90.163
_cell.angle_alpha   90.00
_cell.angle_beta   90.00
_cell.angle_gamma   90.00
#
_symmetry.space_group_name_H-M   'C 2 2 21'
#
loop_
_entity.id
_entity.type
_entity.pdbx_description
1 polymer Resistin
2 non-polymer 'CHLORIDE ION'
3 non-polymer 'ACETATE ION'
4 non-polymer 'TRIETHYLENE GLYCOL'
5 non-polymer DI(HYDROXYETHYL)ETHER
6 water water
#
_entity_poly.entity_id   1
_entity_poly.type   'polypeptide(L)'
_entity_poly.pdbx_seq_one_letter_code
;SSMPLCPIDEAIDKKIKQDFNSLFPNAIKNIGLNCWTVSSRGKLASCPEGTAVLSCSCGSACGSWDIREEKVCHCQCARI
DWTAARCCKLQVAS
;
_entity_poly.pdbx_strand_id   A,B,C
#
loop_
_chem_comp.id
_chem_comp.type
_chem_comp.name
_chem_comp.formula
ACT non-polymer 'ACETATE ION' 'C2 H3 O2 -1'
CL non-polymer 'CHLORIDE ION' 'Cl -1'
PEG non-polymer DI(HYDROXYETHYL)ETHER 'C4 H10 O3'
PGE non-polymer 'TRIETHYLENE GLYCOL' 'C6 H14 O4'
#
# COMPACT_ATOMS: atom_id res chain seq x y z
N CYS A 6 -8.18 -39.63 -18.14
CA CYS A 6 -9.49 -39.06 -17.72
C CYS A 6 -9.87 -37.89 -18.62
N PRO A 7 -10.50 -38.19 -19.76
CA PRO A 7 -10.89 -37.12 -20.69
C PRO A 7 -11.73 -36.03 -20.04
N ILE A 8 -12.66 -36.41 -19.15
CA ILE A 8 -13.55 -35.43 -18.52
C ILE A 8 -12.82 -34.67 -17.39
N ASP A 9 -12.16 -35.41 -16.50
CA ASP A 9 -11.34 -34.78 -15.46
C ASP A 9 -10.36 -33.78 -16.07
N GLU A 10 -9.74 -34.18 -17.17
CA GLU A 10 -8.75 -33.35 -17.85
C GLU A 10 -9.37 -32.08 -18.42
N ALA A 11 -10.51 -32.21 -19.08
CA ALA A 11 -11.24 -31.07 -19.64
C ALA A 11 -11.63 -30.07 -18.56
N ILE A 12 -12.10 -30.59 -17.43
CA ILE A 12 -12.50 -29.75 -16.30
C ILE A 12 -11.29 -29.08 -15.66
N ASP A 13 -10.21 -29.84 -15.48
CA ASP A 13 -8.96 -29.26 -14.97
C ASP A 13 -8.51 -28.06 -15.83
N LYS A 14 -8.55 -28.22 -17.15
CA LYS A 14 -8.20 -27.15 -18.08
C LYS A 14 -9.09 -25.93 -17.86
N LYS A 15 -10.39 -26.15 -17.69
CA LYS A 15 -11.34 -25.06 -17.54
C LYS A 15 -11.12 -24.32 -16.22
N ILE A 16 -10.83 -25.07 -15.15
CA ILE A 16 -10.53 -24.47 -13.85
C ILE A 16 -9.33 -23.53 -13.98
N LYS A 17 -8.27 -24.00 -14.62
CA LYS A 17 -7.04 -23.21 -14.79
C LYS A 17 -7.27 -21.98 -15.66
N GLN A 18 -7.97 -22.15 -16.78
CA GLN A 18 -8.36 -21.03 -17.63
C GLN A 18 -9.20 -20.00 -16.88
N ASP A 19 -10.21 -20.48 -16.15
CA ASP A 19 -11.09 -19.60 -15.40
C ASP A 19 -10.31 -18.86 -14.31
N PHE A 20 -9.43 -19.57 -13.60
CA PHE A 20 -8.61 -18.95 -12.59
C PHE A 20 -7.80 -17.78 -13.15
N ASN A 21 -7.23 -17.96 -14.33
CA ASN A 21 -6.44 -16.91 -14.97
C ASN A 21 -7.24 -15.66 -15.31
N SER A 22 -8.56 -15.81 -15.45
CA SER A 22 -9.46 -14.67 -15.66
C SER A 22 -9.91 -14.05 -14.34
N LEU A 23 -10.33 -14.91 -13.43
CA LEU A 23 -10.88 -14.46 -12.15
C LEU A 23 -9.86 -13.77 -11.24
N PHE A 24 -8.64 -14.28 -11.22
CA PHE A 24 -7.67 -13.81 -10.26
C PHE A 24 -7.28 -12.33 -10.44
N PRO A 25 -6.87 -11.92 -11.64
CA PRO A 25 -6.52 -10.50 -11.86
C PRO A 25 -7.68 -9.55 -11.58
N ASN A 26 -8.90 -9.97 -11.93
CA ASN A 26 -10.10 -9.17 -11.64
C ASN A 26 -10.37 -9.05 -10.13
N ALA A 27 -10.03 -10.10 -9.38
CA ALA A 27 -10.22 -10.10 -7.93
C ALA A 27 -9.22 -9.15 -7.26
N ILE A 28 -7.97 -9.19 -7.70
CA ILE A 28 -6.94 -8.29 -7.18
C ILE A 28 -7.25 -6.82 -7.48
N LYS A 29 -7.92 -6.54 -8.61
CA LYS A 29 -8.34 -5.17 -8.91
C LYS A 29 -9.34 -4.59 -7.89
N ASN A 30 -9.98 -5.44 -7.10
CA ASN A 30 -10.84 -5.00 -6.01
C ASN A 30 -10.08 -4.73 -4.70
N ILE A 31 -8.79 -5.01 -4.69
CA ILE A 31 -7.97 -4.79 -3.51
C ILE A 31 -7.19 -3.51 -3.62
N GLY A 32 -7.26 -2.73 -2.56
CA GLY A 32 -6.58 -1.46 -2.47
C GLY A 32 -5.77 -1.33 -1.20
N LEU A 33 -4.77 -0.45 -1.24
CA LEU A 33 -4.18 0.06 -0.04
C LEU A 33 -5.18 0.99 0.63
N ASN A 34 -5.49 0.71 1.89
CA ASN A 34 -6.42 1.50 2.68
C ASN A 34 -5.63 2.12 3.82
N CYS A 35 -5.56 3.45 3.84
CA CYS A 35 -4.78 4.15 4.87
C CYS A 35 -5.68 5.10 5.64
N TRP A 36 -5.38 5.27 6.92
CA TRP A 36 -6.09 6.23 7.76
C TRP A 36 -5.20 6.76 8.88
N THR A 37 -5.69 7.79 9.56
CA THR A 37 -4.97 8.42 10.68
C THR A 37 -5.51 7.95 12.03
N VAL A 38 -4.58 7.62 12.93
CA VAL A 38 -4.87 7.38 14.32
C VAL A 38 -4.33 8.58 15.08
N SER A 39 -5.19 9.30 15.80
CA SER A 39 -4.78 10.48 16.56
C SER A 39 -5.01 10.22 18.04
N SER A 40 -3.95 10.43 18.85
CA SER A 40 -4.00 10.25 20.29
C SER A 40 -3.39 11.44 21.02
N ARG A 41 -3.95 11.76 22.19
CA ARG A 41 -3.39 12.83 23.00
C ARG A 41 -2.03 12.39 23.56
N GLY A 42 -1.12 13.34 23.69
CA GLY A 42 0.21 13.06 24.20
C GLY A 42 1.19 12.75 23.09
N LYS A 43 2.23 11.98 23.44
CA LYS A 43 3.41 11.79 22.60
C LYS A 43 3.43 10.53 21.74
N LEU A 44 2.43 9.65 21.89
CA LEU A 44 2.42 8.34 21.22
C LEU A 44 1.11 8.07 20.51
N ALA A 45 1.18 7.53 19.30
CA ALA A 45 0.01 7.01 18.59
C ALA A 45 0.38 5.71 17.91
N SER A 46 -0.44 4.68 18.14
CA SER A 46 -0.15 3.31 17.70
C SER A 46 -1.08 2.89 16.56
N CYS A 47 -0.51 2.19 15.58
CA CYS A 47 -1.28 1.57 14.52
C CYS A 47 -1.74 0.22 15.02
N PRO A 48 -2.95 -0.20 14.65
CA PRO A 48 -3.45 -1.48 15.13
C PRO A 48 -2.74 -2.66 14.47
N GLU A 49 -2.78 -3.81 15.14
CA GLU A 49 -2.25 -5.02 14.54
C GLU A 49 -2.93 -5.21 13.17
N GLY A 50 -2.19 -5.75 12.21
CA GLY A 50 -2.71 -5.91 10.84
C GLY A 50 -2.54 -4.69 9.95
N THR A 51 -1.79 -3.69 10.41
CA THR A 51 -1.51 -2.50 9.61
C THR A 51 -0.04 -2.15 9.75
N ALA A 52 0.46 -1.40 8.77
CA ALA A 52 1.81 -0.87 8.76
C ALA A 52 1.78 0.62 9.02
N VAL A 53 2.81 1.12 9.67
CA VAL A 53 2.97 2.55 9.88
C VAL A 53 3.64 3.17 8.68
N LEU A 54 3.02 4.19 8.11
CA LEU A 54 3.62 4.88 6.97
C LEU A 54 4.43 6.08 7.42
N SER A 55 3.90 6.81 8.38
CA SER A 55 4.51 8.08 8.79
C SER A 55 3.79 8.58 10.03
N CYS A 56 4.32 9.68 10.58
CA CYS A 56 3.80 10.29 11.79
C CYS A 56 3.70 11.79 11.62
N SER A 57 2.89 12.42 12.46
CA SER A 57 2.92 13.88 12.59
C SER A 57 2.64 14.30 14.04
N CYS A 58 3.02 15.53 14.34
CA CYS A 58 3.05 16.04 15.70
C CYS A 58 2.38 17.40 15.88
N GLY A 59 1.66 17.85 14.85
CA GLY A 59 1.04 19.18 14.86
C GLY A 59 2.02 20.24 14.42
N SER A 60 1.56 21.49 14.39
CA SER A 60 2.35 22.60 13.86
C SER A 60 3.47 23.05 14.79
N ALA A 61 3.54 22.47 15.99
CA ALA A 61 4.58 22.78 16.97
C ALA A 61 5.85 21.98 16.72
N CYS A 62 5.68 20.69 16.42
CA CYS A 62 6.76 19.72 16.42
C CYS A 62 6.91 19.02 15.07
N GLY A 63 8.16 18.82 14.66
CA GLY A 63 8.48 18.14 13.40
C GLY A 63 9.47 17.00 13.57
N SER A 64 9.75 16.61 14.82
CA SER A 64 10.70 15.56 15.14
C SER A 64 9.97 14.34 15.69
N TRP A 65 10.03 13.22 14.98
CA TRP A 65 9.39 11.99 15.42
C TRP A 65 10.13 10.74 14.98
N ASP A 66 9.79 9.61 15.60
CA ASP A 66 10.29 8.31 15.19
C ASP A 66 9.22 7.22 15.32
N ILE A 67 9.45 6.10 14.64
CA ILE A 67 8.55 4.94 14.71
C ILE A 67 9.20 3.84 15.55
N ARG A 68 8.51 3.43 16.62
CA ARG A 68 8.99 2.37 17.52
C ARG A 68 8.34 1.01 17.19
N GLU A 69 9.16 -0.03 17.08
CA GLU A 69 8.66 -1.39 16.81
C GLU A 69 7.78 -1.51 15.57
N GLU A 70 7.96 -0.61 14.61
CA GLU A 70 7.15 -0.54 13.41
C GLU A 70 5.65 -0.51 13.72
N LYS A 71 5.29 0.13 14.83
CA LYS A 71 3.90 0.15 15.30
C LYS A 71 3.49 1.47 15.92
N VAL A 72 4.42 2.12 16.63
CA VAL A 72 4.09 3.28 17.46
C VAL A 72 4.81 4.53 16.97
N CYS A 73 4.02 5.55 16.60
CA CYS A 73 4.56 6.88 16.35
C CYS A 73 4.90 7.60 17.67
N HIS A 74 6.10 8.17 17.73
CA HIS A 74 6.57 8.87 18.92
C HIS A 74 7.05 10.28 18.56
N CYS A 75 6.37 11.28 19.10
CA CYS A 75 6.74 12.67 18.89
C CYS A 75 7.74 13.05 19.96
N GLN A 76 8.80 13.76 19.56
CA GLN A 76 10.01 13.88 20.38
C GLN A 76 10.17 15.20 21.15
N CYS A 77 9.48 16.25 20.72
CA CYS A 77 9.59 17.55 21.41
C CYS A 77 8.96 17.45 22.80
N ALA A 78 9.29 18.41 23.65
CA ALA A 78 8.94 18.36 25.06
C ALA A 78 7.45 18.51 25.33
N ARG A 79 6.80 19.42 24.59
CA ARG A 79 5.36 19.64 24.73
C ARG A 79 4.62 19.17 23.48
N ILE A 80 3.79 18.14 23.63
CA ILE A 80 2.99 17.60 22.54
C ILE A 80 1.54 17.43 22.95
N ASP A 81 0.64 18.10 22.25
CA ASP A 81 -0.79 17.94 22.48
C ASP A 81 -1.32 16.65 21.89
N TRP A 82 -0.99 16.42 20.61
CA TRP A 82 -1.51 15.28 19.86
C TRP A 82 -0.42 14.65 19.03
N THR A 83 -0.45 13.32 18.94
CA THR A 83 0.40 12.59 17.99
C THR A 83 -0.53 11.88 17.01
N ALA A 84 -0.11 11.82 15.75
CA ALA A 84 -0.91 11.19 14.70
C ALA A 84 -0.03 10.19 13.94
N ALA A 85 -0.57 8.98 13.72
CA ALA A 85 0.10 7.94 12.94
C ALA A 85 -0.72 7.73 11.68
N ARG A 86 -0.04 7.55 10.55
CA ARG A 86 -0.72 7.14 9.31
C ARG A 86 -0.50 5.64 9.15
N CYS A 87 -1.60 4.89 9.10
CA CYS A 87 -1.60 3.43 9.14
C CYS A 87 -2.20 2.91 7.86
N CYS A 88 -1.61 1.84 7.31
CA CYS A 88 -2.06 1.28 6.02
C CYS A 88 -2.21 -0.23 6.06
N LYS A 89 -3.21 -0.73 5.34
CA LYS A 89 -3.38 -2.17 5.11
C LYS A 89 -3.96 -2.43 3.73
N LEU A 90 -3.98 -3.69 3.30
CA LEU A 90 -4.70 -4.07 2.09
C LEU A 90 -6.14 -4.31 2.47
N GLN A 91 -7.08 -3.82 1.66
CA GLN A 91 -8.48 -4.07 1.94
C GLN A 91 -9.27 -4.27 0.66
N VAL A 92 -10.23 -5.17 0.70
CA VAL A 92 -11.06 -5.44 -0.47
C VAL A 92 -12.18 -4.44 -0.48
N ALA A 93 -12.45 -3.89 -1.65
CA ALA A 93 -13.64 -3.10 -1.88
C ALA A 93 -14.29 -3.53 -3.18
N SER A 94 -15.07 -4.60 -3.06
CA SER A 94 -16.30 -4.95 -3.81
C SER A 94 -16.36 -6.41 -4.06
N CYS B 6 -25.20 -34.64 -4.22
CA CYS B 6 -24.75 -34.14 -5.56
C CYS B 6 -23.38 -34.72 -5.89
N PRO B 7 -23.31 -36.03 -6.11
CA PRO B 7 -22.03 -36.72 -6.28
C PRO B 7 -21.13 -36.17 -7.40
N ILE B 8 -21.71 -35.71 -8.51
CA ILE B 8 -20.92 -35.10 -9.58
C ILE B 8 -20.46 -33.70 -9.16
N ASP B 9 -21.39 -32.87 -8.71
CA ASP B 9 -21.03 -31.55 -8.16
C ASP B 9 -19.93 -31.68 -7.12
N GLU B 10 -20.08 -32.66 -6.24
CA GLU B 10 -19.16 -32.88 -5.13
C GLU B 10 -17.76 -33.23 -5.62
N ALA B 11 -17.67 -34.10 -6.63
CA ALA B 11 -16.39 -34.47 -7.23
C ALA B 11 -15.74 -33.28 -7.94
N ILE B 12 -16.55 -32.46 -8.61
CA ILE B 12 -16.03 -31.29 -9.30
C ILE B 12 -15.57 -30.24 -8.27
N ASP B 13 -16.38 -30.03 -7.24
CA ASP B 13 -16.03 -29.14 -6.14
C ASP B 13 -14.68 -29.51 -5.53
N LYS B 14 -14.47 -30.79 -5.30
CA LYS B 14 -13.22 -31.29 -4.74
C LYS B 14 -12.04 -30.96 -5.65
N LYS B 15 -12.20 -31.17 -6.95
CA LYS B 15 -11.16 -30.89 -7.95
C LYS B 15 -10.83 -29.39 -8.03
N ILE B 16 -11.85 -28.54 -8.01
CA ILE B 16 -11.64 -27.09 -8.02
C ILE B 16 -10.78 -26.68 -6.84
N LYS B 17 -11.16 -27.15 -5.65
CA LYS B 17 -10.44 -26.84 -4.43
C LYS B 17 -8.99 -27.34 -4.46
N GLN B 18 -8.79 -28.54 -5.00
CA GLN B 18 -7.45 -29.08 -5.19
C GLN B 18 -6.62 -28.19 -6.10
N ASP B 19 -7.20 -27.79 -7.23
CA ASP B 19 -6.49 -26.92 -8.18
C ASP B 19 -6.16 -25.57 -7.56
N PHE B 20 -7.15 -24.97 -6.91
CA PHE B 20 -6.99 -23.66 -6.26
C PHE B 20 -5.95 -23.64 -5.17
N ASN B 21 -5.81 -24.74 -4.43
CA ASN B 21 -4.77 -24.88 -3.42
C ASN B 21 -3.35 -24.70 -3.96
N SER B 22 -3.14 -25.02 -5.24
CA SER B 22 -1.85 -24.77 -5.89
C SER B 22 -1.84 -23.42 -6.61
N LEU B 23 -2.93 -23.08 -7.27
CA LEU B 23 -2.97 -21.88 -8.09
C LEU B 23 -2.88 -20.59 -7.26
N PHE B 24 -3.53 -20.57 -6.10
CA PHE B 24 -3.58 -19.35 -5.27
C PHE B 24 -2.22 -18.91 -4.74
N PRO B 25 -1.50 -19.78 -4.02
CA PRO B 25 -0.20 -19.39 -3.46
C PRO B 25 0.75 -18.81 -4.49
N ASN B 26 0.87 -19.49 -5.62
CA ASN B 26 1.78 -19.05 -6.68
C ASN B 26 1.43 -17.71 -7.27
N ALA B 27 0.14 -17.47 -7.46
CA ALA B 27 -0.33 -16.21 -8.02
C ALA B 27 -0.15 -15.09 -7.00
N ILE B 28 -0.46 -15.37 -5.73
CA ILE B 28 -0.35 -14.36 -4.68
C ILE B 28 1.09 -13.90 -4.47
N LYS B 29 2.04 -14.83 -4.52
CA LYS B 29 3.45 -14.49 -4.30
C LYS B 29 3.99 -13.62 -5.45
N ASN B 30 3.32 -13.62 -6.59
CA ASN B 30 3.74 -12.82 -7.74
C ASN B 30 3.11 -11.42 -7.81
N ILE B 31 2.27 -11.09 -6.83
CA ILE B 31 1.71 -9.74 -6.77
C ILE B 31 2.83 -8.80 -6.34
N GLY B 32 2.91 -7.65 -6.98
CA GLY B 32 3.87 -6.62 -6.63
C GLY B 32 3.19 -5.32 -6.24
N LEU B 33 4.01 -4.37 -5.85
CA LEU B 33 3.53 -3.09 -5.36
C LEU B 33 4.07 -2.08 -6.36
N ASN B 34 3.17 -1.28 -6.97
CA ASN B 34 3.57 -0.31 -7.99
C ASN B 34 3.25 1.10 -7.49
N CYS B 35 4.30 1.93 -7.35
CA CYS B 35 4.17 3.29 -6.78
C CYS B 35 4.77 4.34 -7.71
N TRP B 36 4.10 5.47 -7.85
CA TRP B 36 4.63 6.58 -8.63
C TRP B 36 4.22 7.90 -7.98
N THR B 37 4.76 8.99 -8.47
CA THR B 37 4.40 10.31 -7.94
C THR B 37 3.71 11.12 -9.01
N VAL B 38 2.60 11.72 -8.66
CA VAL B 38 1.94 12.71 -9.53
C VAL B 38 2.12 14.06 -8.88
N SER B 39 2.76 14.96 -9.59
CA SER B 39 2.94 16.32 -9.10
C SER B 39 2.18 17.29 -10.00
N SER B 40 1.77 18.40 -9.41
CA SER B 40 0.97 19.40 -10.10
C SER B 40 1.28 20.77 -9.55
N ARG B 41 1.23 21.77 -10.41
CA ARG B 41 1.31 23.15 -9.98
C ARG B 41 0.10 23.45 -9.09
N GLY B 42 0.30 24.30 -8.09
CA GLY B 42 -0.77 24.66 -7.19
C GLY B 42 -0.85 23.78 -5.95
N LYS B 43 -2.03 23.76 -5.33
CA LYS B 43 -2.19 23.23 -3.97
C LYS B 43 -2.78 21.82 -3.92
N LEU B 44 -3.11 21.24 -5.06
CA LEU B 44 -3.69 19.90 -5.11
C LEU B 44 -2.91 19.00 -6.06
N ALA B 45 -2.79 17.72 -5.70
CA ALA B 45 -2.29 16.68 -6.60
C ALA B 45 -3.14 15.42 -6.39
N SER B 46 -3.66 14.86 -7.48
CA SER B 46 -4.60 13.73 -7.43
C SER B 46 -3.98 12.42 -7.94
N CYS B 47 -4.14 11.36 -7.16
CA CYS B 47 -3.75 10.03 -7.56
C CYS B 47 -4.77 9.49 -8.54
N PRO B 48 -4.32 8.70 -9.51
CA PRO B 48 -5.21 8.12 -10.49
C PRO B 48 -6.18 7.15 -9.85
N GLU B 49 -7.35 7.01 -10.46
CA GLU B 49 -8.27 5.95 -10.12
C GLU B 49 -7.53 4.61 -10.19
N GLY B 50 -7.72 3.78 -9.16
CA GLY B 50 -7.00 2.51 -9.00
C GLY B 50 -5.87 2.55 -8.01
N THR B 51 -5.57 3.73 -7.49
CA THR B 51 -4.48 3.89 -6.54
C THR B 51 -4.94 4.64 -5.29
N ALA B 52 -4.14 4.54 -4.24
CA ALA B 52 -4.30 5.37 -3.08
C ALA B 52 -3.07 6.25 -2.82
N VAL B 53 -3.34 7.38 -2.16
CA VAL B 53 -2.31 8.28 -1.67
C VAL B 53 -1.65 7.65 -0.46
N LEU B 54 -0.33 7.48 -0.56
CA LEU B 54 0.47 7.01 0.58
C LEU B 54 1.08 8.18 1.37
N SER B 55 1.50 9.22 0.66
CA SER B 55 2.15 10.39 1.25
C SER B 55 2.07 11.58 0.30
N CYS B 56 2.40 12.75 0.83
CA CYS B 56 2.38 13.99 0.03
C CYS B 56 3.67 14.75 0.25
N SER B 57 4.04 15.56 -0.73
CA SER B 57 5.09 16.54 -0.59
C SER B 57 4.61 17.87 -1.15
N CYS B 58 5.18 18.96 -0.62
CA CYS B 58 4.77 20.31 -0.99
C CYS B 58 6.00 21.15 -1.30
N GLY B 59 5.87 22.06 -2.25
CA GLY B 59 6.94 22.99 -2.56
C GLY B 59 7.07 24.01 -1.45
N SER B 60 8.09 24.86 -1.57
CA SER B 60 8.29 25.99 -0.67
C SER B 60 8.53 25.54 0.77
N ALA B 61 9.13 24.35 0.93
CA ALA B 61 9.30 23.71 2.23
C ALA B 61 8.01 23.63 3.08
N CYS B 62 6.83 23.81 2.45
CA CYS B 62 5.54 23.72 3.17
C CYS B 62 5.43 22.34 3.78
N GLY B 63 5.25 22.30 5.10
CA GLY B 63 5.10 21.02 5.82
C GLY B 63 3.68 20.75 6.29
N SER B 64 2.74 21.54 5.79
CA SER B 64 1.34 21.43 6.19
C SER B 64 0.47 20.93 5.04
N TRP B 65 0.02 19.69 5.15
CA TRP B 65 -0.83 19.11 4.13
C TRP B 65 -1.80 18.09 4.71
N ASP B 66 -2.82 17.76 3.92
CA ASP B 66 -3.76 16.72 4.28
C ASP B 66 -4.15 15.90 3.05
N ILE B 67 -4.70 14.72 3.28
CA ILE B 67 -5.15 13.83 2.22
C ILE B 67 -6.69 13.80 2.24
N ARG B 68 -7.31 14.14 1.13
CA ARG B 68 -8.74 14.07 0.99
C ARG B 68 -9.15 12.71 0.44
N GLU B 69 -9.88 11.96 1.26
CA GLU B 69 -10.49 10.68 0.86
C GLU B 69 -9.58 9.73 0.10
N GLU B 70 -8.35 9.61 0.60
CA GLU B 70 -7.33 8.67 0.04
C GLU B 70 -6.95 8.90 -1.41
N LYS B 71 -7.30 10.06 -1.95
CA LYS B 71 -7.15 10.32 -3.38
C LYS B 71 -6.39 11.62 -3.69
N VAL B 72 -6.53 12.65 -2.87
CA VAL B 72 -5.96 13.95 -3.22
C VAL B 72 -5.11 14.54 -2.13
N CYS B 73 -3.89 14.92 -2.48
CA CYS B 73 -3.02 15.67 -1.59
C CYS B 73 -3.37 17.16 -1.71
N HIS B 74 -3.55 17.79 -0.55
CA HIS B 74 -3.82 19.22 -0.47
C HIS B 74 -2.74 19.88 0.39
N CYS B 75 -1.92 20.72 -0.23
CA CYS B 75 -0.92 21.51 0.49
C CYS B 75 -1.57 22.80 0.97
N GLN B 76 -1.43 23.09 2.26
CA GLN B 76 -2.29 24.05 2.93
C GLN B 76 -1.69 25.47 3.07
N CYS B 77 -0.40 25.63 2.80
CA CYS B 77 0.24 26.93 2.99
C CYS B 77 -0.27 27.90 1.92
N ALA B 78 -0.33 29.18 2.28
CA ALA B 78 -1.00 30.19 1.45
C ALA B 78 -0.36 30.33 0.08
N ARG B 79 0.97 30.34 0.08
CA ARG B 79 1.72 30.47 -1.15
C ARG B 79 2.34 29.10 -1.40
N ILE B 80 1.78 28.36 -2.34
CA ILE B 80 2.28 27.03 -2.68
C ILE B 80 2.43 26.87 -4.19
N ASP B 81 3.65 26.54 -4.61
CA ASP B 81 3.97 26.45 -6.03
C ASP B 81 3.62 25.08 -6.62
N TRP B 82 3.90 24.01 -5.86
CA TRP B 82 3.54 22.67 -6.31
C TRP B 82 3.18 21.73 -5.18
N THR B 83 2.45 20.67 -5.55
CA THR B 83 1.98 19.63 -4.65
C THR B 83 2.25 18.31 -5.35
N ALA B 84 2.71 17.31 -4.60
CA ALA B 84 2.95 15.99 -5.16
C ALA B 84 2.32 14.91 -4.30
N ALA B 85 1.68 13.96 -4.97
CA ALA B 85 1.11 12.81 -4.31
C ALA B 85 1.87 11.54 -4.70
N ARG B 86 2.19 10.73 -3.70
CA ARG B 86 2.76 9.40 -3.90
C ARG B 86 1.63 8.38 -3.90
N CYS B 87 1.46 7.71 -5.04
CA CYS B 87 0.33 6.88 -5.37
C CYS B 87 0.76 5.44 -5.52
N CYS B 88 0.04 4.50 -4.92
CA CYS B 88 0.40 3.10 -5.01
C CYS B 88 -0.77 2.17 -5.27
N LYS B 89 -0.48 1.08 -5.95
CA LYS B 89 -1.46 0.02 -6.21
C LYS B 89 -0.75 -1.32 -6.28
N LEU B 90 -1.53 -2.38 -6.13
CA LEU B 90 -1.05 -3.72 -6.34
C LEU B 90 -0.95 -3.96 -7.84
N GLN B 91 -0.03 -4.83 -8.21
CA GLN B 91 0.25 -5.16 -9.61
C GLN B 91 0.33 -6.68 -9.74
N VAL B 92 -0.65 -7.24 -10.44
CA VAL B 92 -0.71 -8.68 -10.67
C VAL B 92 0.45 -9.11 -11.56
N ALA B 93 1.02 -10.27 -11.24
CA ALA B 93 2.13 -10.87 -12.00
C ALA B 93 3.23 -9.83 -12.26
N SER B 94 3.48 -9.05 -11.21
CA SER B 94 4.73 -8.34 -10.91
C SER B 94 4.55 -6.99 -10.29
N CYS C 6 -23.80 -24.53 -24.49
CA CYS C 6 -22.91 -25.32 -23.60
C CYS C 6 -23.42 -25.31 -22.16
N PRO C 7 -24.61 -25.87 -21.94
CA PRO C 7 -25.24 -25.83 -20.61
C PRO C 7 -24.39 -26.48 -19.51
N ILE C 8 -23.64 -27.52 -19.84
CA ILE C 8 -22.78 -28.18 -18.83
C ILE C 8 -21.54 -27.35 -18.54
N ASP C 9 -20.88 -26.85 -19.58
CA ASP C 9 -19.74 -25.92 -19.41
C ASP C 9 -20.14 -24.74 -18.51
N GLU C 10 -21.28 -24.14 -18.79
CA GLU C 10 -21.76 -22.99 -18.05
C GLU C 10 -22.06 -23.31 -16.58
N ALA C 11 -22.62 -24.48 -16.33
CA ALA C 11 -22.87 -24.93 -14.96
C ALA C 11 -21.55 -25.07 -14.18
N ILE C 12 -20.54 -25.62 -14.84
CA ILE C 12 -19.22 -25.82 -14.24
C ILE C 12 -18.50 -24.47 -14.09
N ASP C 13 -18.60 -23.62 -15.11
CA ASP C 13 -18.02 -22.27 -15.02
C ASP C 13 -18.59 -21.50 -13.84
N LYS C 14 -19.90 -21.64 -13.64
CA LYS C 14 -20.60 -20.99 -12.53
C LYS C 14 -20.09 -21.51 -11.21
N LYS C 15 -19.90 -22.83 -11.12
CA LYS C 15 -19.42 -23.43 -9.87
C LYS C 15 -17.98 -22.98 -9.56
N ILE C 16 -17.14 -22.95 -10.57
CA ILE C 16 -15.74 -22.52 -10.40
C ILE C 16 -15.73 -21.08 -9.85
N LYS C 17 -16.60 -20.24 -10.39
CA LYS C 17 -16.67 -18.84 -10.00
C LYS C 17 -17.14 -18.70 -8.54
N GLN C 18 -18.16 -19.49 -8.15
CA GLN C 18 -18.67 -19.48 -6.79
C GLN C 18 -17.61 -19.93 -5.80
N ASP C 19 -16.89 -20.99 -6.15
CA ASP C 19 -15.81 -21.51 -5.30
C ASP C 19 -14.68 -20.49 -5.18
N PHE C 20 -14.34 -19.83 -6.29
CA PHE C 20 -13.31 -18.80 -6.28
C PHE C 20 -13.67 -17.69 -5.30
N ASN C 21 -14.90 -17.18 -5.43
CA ASN C 21 -15.38 -16.09 -4.58
C ASN C 21 -15.43 -16.52 -3.12
N SER C 22 -15.84 -17.76 -2.90
CA SER C 22 -15.86 -18.34 -1.57
C SER C 22 -14.47 -18.45 -0.98
N LEU C 23 -13.51 -18.93 -1.77
CA LEU C 23 -12.16 -19.27 -1.27
C LEU C 23 -11.16 -18.12 -1.28
N PHE C 24 -11.42 -17.09 -2.07
CA PHE C 24 -10.48 -16.00 -2.29
C PHE C 24 -10.11 -15.26 -1.00
N PRO C 25 -11.08 -14.85 -0.19
CA PRO C 25 -10.78 -14.14 1.05
C PRO C 25 -9.78 -14.86 1.95
N ASN C 26 -9.95 -16.16 2.17
CA ASN C 26 -9.00 -16.92 3.00
C ASN C 26 -7.65 -17.09 2.32
N ALA C 27 -7.63 -17.16 0.99
CA ALA C 27 -6.39 -17.30 0.25
C ALA C 27 -5.52 -16.05 0.37
N ILE C 28 -6.14 -14.89 0.41
CA ILE C 28 -5.39 -13.64 0.39
C ILE C 28 -5.10 -13.07 1.78
N LYS C 29 -5.60 -13.73 2.82
CA LYS C 29 -5.51 -13.19 4.17
C LYS C 29 -4.06 -13.04 4.67
N ASN C 30 -3.12 -13.78 4.08
CA ASN C 30 -1.74 -13.78 4.58
C ASN C 30 -0.78 -12.85 3.84
N ILE C 31 -1.23 -12.20 2.78
CA ILE C 31 -0.43 -11.14 2.19
C ILE C 31 -0.63 -9.83 2.99
N GLY C 32 0.46 -9.10 3.20
CA GLY C 32 0.38 -7.82 3.90
C GLY C 32 1.53 -6.92 3.58
N LEU C 33 1.38 -5.66 3.97
CA LEU C 33 2.40 -4.64 3.73
C LEU C 33 3.38 -4.59 4.89
N ASN C 34 4.66 -4.73 4.55
CA ASN C 34 5.73 -4.68 5.53
C ASN C 34 6.59 -3.48 5.20
N CYS C 35 6.79 -2.60 6.19
CA CYS C 35 7.52 -1.36 6.01
C CYS C 35 8.67 -1.20 6.99
N TRP C 36 9.71 -0.52 6.54
CA TRP C 36 10.76 -0.08 7.45
C TRP C 36 11.35 1.22 6.92
N THR C 37 12.21 1.82 7.73
CA THR C 37 12.79 3.10 7.41
C THR C 37 14.28 2.95 7.13
N VAL C 38 14.76 3.59 6.08
CA VAL C 38 16.18 3.74 5.80
C VAL C 38 16.54 5.20 6.02
N SER C 39 17.45 5.45 6.96
CA SER C 39 17.91 6.80 7.30
C SER C 39 19.37 6.96 6.92
N SER C 40 19.68 8.13 6.38
CA SER C 40 21.06 8.43 6.02
C SER C 40 21.39 9.89 6.33
N ARG C 41 22.64 10.14 6.70
CA ARG C 41 23.16 11.51 6.78
C ARG C 41 23.12 12.11 5.39
N GLY C 42 22.77 13.38 5.31
CA GLY C 42 22.74 14.10 4.04
C GLY C 42 21.37 14.15 3.42
N LYS C 43 21.32 14.38 2.11
CA LYS C 43 20.07 14.69 1.41
C LYS C 43 19.43 13.51 0.69
N LEU C 44 20.04 12.33 0.77
CA LEU C 44 19.56 11.13 0.05
C LEU C 44 19.43 9.92 0.97
N ALA C 45 18.34 9.17 0.80
CA ALA C 45 18.16 7.86 1.45
C ALA C 45 17.56 6.87 0.44
N SER C 46 18.25 5.77 0.20
CA SER C 46 17.87 4.81 -0.83
C SER C 46 17.15 3.61 -0.23
N CYS C 47 16.05 3.20 -0.86
CA CYS C 47 15.39 1.93 -0.52
C CYS C 47 16.09 0.74 -1.21
N PRO C 48 16.18 -0.41 -0.54
CA PRO C 48 16.81 -1.60 -1.12
C PRO C 48 16.04 -2.18 -2.29
N GLU C 49 16.73 -2.92 -3.14
CA GLU C 49 16.06 -3.61 -4.24
C GLU C 49 15.01 -4.56 -3.64
N GLY C 50 13.89 -4.69 -4.33
CA GLY C 50 12.78 -5.50 -3.83
C GLY C 50 11.79 -4.74 -2.96
N THR C 51 12.01 -3.44 -2.78
CA THR C 51 11.05 -2.63 -2.04
C THR C 51 10.66 -1.42 -2.83
N ALA C 52 9.54 -0.82 -2.43
CA ALA C 52 9.01 0.40 -3.02
C ALA C 52 9.14 1.54 -2.02
N VAL C 53 9.34 2.76 -2.53
CA VAL C 53 9.39 3.95 -1.69
C VAL C 53 7.98 4.52 -1.57
N LEU C 54 7.45 4.50 -0.35
CA LEU C 54 6.08 4.94 -0.07
C LEU C 54 5.98 6.35 0.53
N SER C 55 7.07 6.81 1.14
CA SER C 55 7.15 8.10 1.80
C SER C 55 8.61 8.48 2.04
N CYS C 56 8.83 9.79 2.22
CA CYS C 56 10.15 10.31 2.58
C CYS C 56 9.94 11.30 3.70
N SER C 57 10.94 11.47 4.54
CA SER C 57 10.94 12.52 5.55
C SER C 57 12.31 13.19 5.61
N CYS C 58 12.30 14.47 5.94
CA CYS C 58 13.50 15.28 5.88
C CYS C 58 13.87 15.82 7.25
N GLY C 59 15.17 15.83 7.50
CA GLY C 59 15.75 16.48 8.66
C GLY C 59 15.40 17.95 8.70
N SER C 60 14.81 18.33 9.83
CA SER C 60 14.73 19.73 10.25
C SER C 60 13.99 20.69 9.32
N ALA C 61 12.65 20.65 9.39
CA ALA C 61 11.81 21.72 8.86
C ALA C 61 11.76 21.77 7.33
N CYS C 62 11.79 20.60 6.69
CA CYS C 62 11.72 20.52 5.23
C CYS C 62 10.59 19.58 4.82
N GLY C 63 9.59 20.13 4.14
CA GLY C 63 8.47 19.36 3.62
C GLY C 63 8.61 18.96 2.16
N SER C 64 9.70 19.41 1.53
CA SER C 64 9.89 19.32 0.08
C SER C 64 10.88 18.22 -0.27
N TRP C 65 10.37 17.15 -0.87
CA TRP C 65 11.21 16.03 -1.29
C TRP C 65 10.70 15.46 -2.59
N ASP C 66 11.57 14.72 -3.27
CA ASP C 66 11.16 13.98 -4.44
C ASP C 66 11.89 12.67 -4.45
N ILE C 67 11.41 11.73 -5.26
CA ILE C 67 12.00 10.40 -5.32
C ILE C 67 12.67 10.25 -6.69
N ARG C 68 13.94 9.84 -6.68
CA ARG C 68 14.69 9.59 -7.90
C ARG C 68 14.62 8.12 -8.27
N GLU C 69 14.34 7.88 -9.56
CA GLU C 69 14.34 6.52 -10.12
C GLU C 69 13.52 5.54 -9.29
N GLU C 70 12.45 6.05 -8.68
CA GLU C 70 11.54 5.23 -7.88
C GLU C 70 12.26 4.45 -6.79
N LYS C 71 13.36 5.02 -6.28
CA LYS C 71 14.26 4.30 -5.36
C LYS C 71 14.85 5.18 -4.24
N VAL C 72 15.14 6.44 -4.55
CA VAL C 72 15.95 7.30 -3.65
C VAL C 72 15.18 8.54 -3.23
N CYS C 73 14.92 8.69 -1.94
CA CYS C 73 14.36 9.93 -1.41
C CYS C 73 15.40 11.03 -1.46
N HIS C 74 15.00 12.19 -1.96
CA HIS C 74 15.86 13.36 -2.03
C HIS C 74 15.20 14.54 -1.35
N CYS C 75 15.84 15.03 -0.30
CA CYS C 75 15.34 16.17 0.45
C CYS C 75 15.86 17.43 -0.19
N GLN C 76 14.97 18.37 -0.48
CA GLN C 76 15.33 19.48 -1.36
C GLN C 76 15.88 20.72 -0.67
N CYS C 77 15.49 20.98 0.57
CA CYS C 77 15.85 22.24 1.23
C CYS C 77 17.36 22.31 1.47
N ALA C 78 17.89 23.52 1.52
CA ALA C 78 19.32 23.70 1.71
C ALA C 78 19.74 23.22 3.10
N ARG C 79 20.86 22.53 3.16
CA ARG C 79 21.50 22.23 4.44
C ARG C 79 20.80 21.14 5.25
N ILE C 80 20.17 20.17 4.61
CA ILE C 80 19.48 19.15 5.41
C ILE C 80 20.48 18.15 5.98
N ASP C 81 20.25 17.75 7.22
CA ASP C 81 21.19 16.92 7.97
C ASP C 81 21.01 15.44 7.69
N TRP C 82 19.75 15.03 7.53
CA TRP C 82 19.41 13.61 7.46
C TRP C 82 18.19 13.45 6.56
N THR C 83 18.16 12.33 5.84
CA THR C 83 17.00 11.94 5.03
C THR C 83 16.55 10.53 5.43
N ALA C 84 15.23 10.32 5.44
CA ALA C 84 14.69 9.00 5.69
C ALA C 84 13.67 8.60 4.63
N ALA C 85 13.81 7.37 4.17
CA ALA C 85 12.87 6.74 3.24
C ALA C 85 12.05 5.71 3.99
N ARG C 86 10.76 5.66 3.70
CA ARG C 86 9.87 4.58 4.18
C ARG C 86 9.72 3.58 3.02
N CYS C 87 10.33 2.41 3.21
CA CYS C 87 10.44 1.41 2.16
C CYS C 87 9.52 0.27 2.55
N CYS C 88 8.77 -0.25 1.59
CA CYS C 88 7.78 -1.28 1.88
C CYS C 88 7.78 -2.38 0.81
N LYS C 89 7.36 -3.56 1.21
CA LYS C 89 7.16 -4.67 0.28
C LYS C 89 5.95 -5.49 0.73
N LEU C 90 5.42 -6.29 -0.17
CA LEU C 90 4.38 -7.25 0.17
C LEU C 90 5.04 -8.50 0.71
N GLN C 91 4.46 -9.06 1.75
CA GLN C 91 5.01 -10.22 2.41
C GLN C 91 3.89 -11.21 2.62
N VAL C 92 4.15 -12.49 2.37
CA VAL C 92 3.16 -13.52 2.58
C VAL C 92 3.52 -14.38 3.80
N ALA C 93 2.60 -14.39 4.77
CA ALA C 93 2.44 -15.51 5.70
C ALA C 93 3.60 -15.74 6.67
N SER C 94 3.59 -16.92 7.30
CA SER C 94 4.76 -17.49 7.95
C SER C 94 5.36 -18.53 6.99
CL CL D . -16.10 -5.67 -0.57
CL CL E . 11.78 5.81 12.71
CL CL F . -19.73 -8.69 -4.51
CL CL G . -5.80 -33.26 -14.10
CL CL H . 8.20 6.89 26.64
C ACT I . 12.73 7.51 21.19
O ACT I . 12.29 6.49 20.62
OXT ACT I . 12.67 7.49 22.44
CH3 ACT I . 13.29 8.69 20.46
C ACT J . -6.73 13.34 8.73
O ACT J . -6.59 14.40 8.05
OXT ACT J . -6.76 12.28 8.10
CH3 ACT J . -6.82 13.35 10.22
C ACT K . -9.76 -30.09 -23.34
O ACT K . -10.97 -29.82 -23.21
OXT ACT K . -9.32 -31.00 -22.59
CH3 ACT K . -8.89 -29.37 -24.34
CL CL L . -7.70 10.11 3.45
CL CL M . 1.42 -15.24 -11.61
CL CL N . -2.94 -18.55 -0.64
CL CL O . 12.38 -10.97 -11.66
C ACT P . 7.93 -4.42 -4.65
O ACT P . 8.95 -3.76 -4.96
OXT ACT P . 7.64 -4.39 -3.44
CH3 ACT P . 7.14 -5.18 -5.68
C ACT Q . 1.56 16.95 7.79
O ACT Q . 1.03 18.08 7.72
OXT ACT Q . 0.93 16.01 7.26
CH3 ACT Q . 2.85 16.71 8.50
C1 PGE R . -0.60 20.30 -13.65
O1 PGE R . 0.57 21.12 -13.41
C2 PGE R . -0.24 18.84 -13.98
O2 PGE R . -1.22 17.91 -13.50
C3 PGE R . -0.84 16.55 -13.80
C4 PGE R . -2.03 15.57 -13.78
O4 PGE R . -4.33 12.33 -11.43
C6 PGE R . -3.29 13.20 -11.89
C5 PGE R . -3.73 14.60 -12.31
O3 PGE R . -2.56 15.42 -12.45
C1 PEG S . 7.42 15.11 -6.25
O1 PEG S . 7.78 14.71 -4.91
C2 PEG S . 8.39 16.06 -6.92
O2 PEG S . 7.71 17.24 -7.30
C3 PEG S . 8.58 18.20 -7.86
C4 PEG S . 7.93 18.71 -9.14
O4 PEG S . 7.64 17.57 -9.95
CL CL T . 20.61 9.68 -6.38
CL CL U . 20.02 -3.05 -2.51
C ACT V . 20.54 18.78 -4.38
O ACT V . 20.71 17.60 -4.02
OXT ACT V . 20.95 19.09 -5.51
CH3 ACT V . 19.87 19.78 -3.49
C ACT W . 17.69 1.65 -11.11
O ACT W . 18.38 0.68 -11.46
OXT ACT W . 16.46 1.45 -10.98
CH3 ACT W . 18.30 3.00 -10.83
#